data_3TBN
#
_entry.id   3TBN
#
_cell.length_a   63.498
_cell.length_b   63.498
_cell.length_c   49.068
_cell.angle_alpha   90.000
_cell.angle_beta   90.000
_cell.angle_gamma   120.000
#
_symmetry.space_group_name_H-M   'P 65'
#
loop_
_entity.id
_entity.type
_entity.pdbx_description
1 polymer 'Putative uncharacterized protein'
2 non-polymer 'FE2/S2 (INORGANIC) CLUSTER'
3 water water
#
_entity_poly.entity_id   1
_entity_poly.type   'polypeptide(L)'
_entity_poly.pdbx_seq_one_letter_code
;GSSHHHHHHTDPVIAQKAPYPVTVEAGKTYHWCACGRSKAQPFCDGSHKGTGLAPVAYTPDKAGTAYFCGCKASKAPPLC
DGTHKTL
;
_entity_poly.pdbx_strand_id   A
#
# COMPACT_ATOMS: atom_id res chain seq x y z
N GLY A 1 -11.01 -1.59 8.87
CA GLY A 1 -12.27 -1.72 9.64
C GLY A 1 -13.06 -2.96 9.24
N SER A 2 -13.55 -3.71 10.23
CA SER A 2 -14.33 -4.90 9.96
C SER A 2 -15.72 -4.53 9.45
N SER A 3 -16.22 -3.38 9.90
CA SER A 3 -17.54 -2.92 9.49
C SER A 3 -17.59 -2.65 7.99
N HIS A 4 -18.65 -3.14 7.35
CA HIS A 4 -18.77 -3.08 5.91
C HIS A 4 -19.83 -2.06 5.47
N HIS A 5 -20.43 -1.36 6.42
CA HIS A 5 -21.59 -0.53 6.08
C HIS A 5 -21.22 0.75 5.35
N HIS A 6 -20.15 1.40 5.80
CA HIS A 6 -19.79 2.74 5.33
C HIS A 6 -18.30 2.89 5.11
N HIS A 7 -17.95 3.67 4.10
CA HIS A 7 -16.60 4.19 3.96
C HIS A 7 -16.50 5.48 4.76
N HIS A 8 -15.51 5.56 5.64
CA HIS A 8 -15.22 6.80 6.34
C HIS A 8 -14.08 7.50 5.60
N HIS A 9 -14.06 8.82 5.61
CA HIS A 9 -13.08 9.55 4.80
C HIS A 9 -11.64 9.29 5.24
N THR A 10 -11.46 8.79 6.46
CA THR A 10 -10.12 8.45 6.95
C THR A 10 -9.72 6.99 6.68
N ASP A 11 -10.60 6.22 6.04
CA ASP A 11 -10.31 4.83 5.70
C ASP A 11 -9.45 4.74 4.44
N PRO A 12 -8.51 3.77 4.40
CA PRO A 12 -7.87 3.47 3.13
C PRO A 12 -8.92 3.01 2.12
N VAL A 13 -8.64 3.23 0.84
CA VAL A 13 -9.41 2.60 -0.22
C VAL A 13 -8.51 1.62 -0.96
N ILE A 14 -9.15 0.63 -1.55
CA ILE A 14 -8.47 -0.29 -2.43
C ILE A 14 -7.97 0.46 -3.66
N ALA A 15 -6.70 0.28 -4.02
CA ALA A 15 -6.25 0.70 -5.34
C ALA A 15 -6.60 -0.40 -6.35
N GLN A 16 -6.13 -1.61 -6.07
CA GLN A 16 -6.59 -2.79 -6.80
C GLN A 16 -6.46 -3.98 -5.86
N LYS A 17 -7.30 -5.00 -6.04
CA LYS A 17 -7.24 -6.20 -5.21
C LYS A 17 -6.21 -7.17 -5.78
N ALA A 18 -4.96 -6.70 -5.83
CA ALA A 18 -3.85 -7.46 -6.37
C ALA A 18 -2.58 -6.67 -6.09
N PRO A 19 -1.46 -7.37 -5.93
CA PRO A 19 -0.21 -6.66 -5.66
C PRO A 19 0.34 -5.90 -6.86
N TYR A 20 1.23 -4.95 -6.57
CA TYR A 20 1.99 -4.22 -7.57
C TYR A 20 3.44 -4.72 -7.50
N PRO A 21 3.84 -5.57 -8.44
CA PRO A 21 5.23 -6.02 -8.45
C PRO A 21 6.14 -4.90 -8.91
N VAL A 22 7.24 -4.69 -8.20
CA VAL A 22 8.20 -3.66 -8.58
C VAL A 22 9.60 -4.21 -8.33
N THR A 23 10.46 -4.07 -9.32
CA THR A 23 11.87 -4.39 -9.13
C THR A 23 12.48 -3.29 -8.30
N VAL A 24 13.06 -3.67 -7.16
CA VAL A 24 13.63 -2.70 -6.22
C VAL A 24 15.15 -2.81 -6.15
N GLU A 25 15.77 -1.70 -5.78
CA GLU A 25 17.21 -1.58 -5.64
C GLU A 25 17.61 -1.68 -4.18
N ALA A 26 18.65 -2.46 -3.91
CA ALA A 26 19.16 -2.60 -2.55
C ALA A 26 19.52 -1.25 -1.94
N GLY A 27 19.04 -1.02 -0.72
CA GLY A 27 19.42 0.16 0.04
C GLY A 27 18.67 1.43 -0.28
N LYS A 28 17.80 1.40 -1.30
CA LYS A 28 16.99 2.56 -1.63
C LYS A 28 15.68 2.49 -0.87
N THR A 29 15.21 3.63 -0.37
CA THR A 29 13.97 3.68 0.38
C THR A 29 12.79 4.03 -0.53
N TYR A 30 11.79 3.16 -0.49
CA TYR A 30 10.53 3.31 -1.21
C TYR A 30 9.45 3.72 -0.22
N HIS A 31 8.51 4.53 -0.67
CA HIS A 31 7.47 5.03 0.20
C HIS A 31 6.13 4.51 -0.31
N TRP A 32 5.64 3.47 0.35
CA TRP A 32 4.43 2.78 -0.04
C TRP A 32 3.19 3.58 0.32
N CYS A 33 2.28 3.72 -0.64
CA CYS A 33 0.99 4.33 -0.38
C CYS A 33 0.11 3.41 0.46
N ALA A 34 -0.19 3.85 1.67
CA ALA A 34 -1.06 3.10 2.58
C ALA A 34 -2.53 3.47 2.41
N CYS A 35 -2.80 4.59 1.74
CA CYS A 35 -4.15 5.15 1.70
C CYS A 35 -4.98 4.75 0.50
N GLY A 36 -4.32 4.29 -0.56
CA GLY A 36 -5.00 3.95 -1.80
C GLY A 36 -5.27 5.10 -2.75
N ARG A 37 -4.90 6.32 -2.38
CA ARG A 37 -5.26 7.50 -3.15
C ARG A 37 -4.23 7.89 -4.21
N SER A 38 -2.99 7.43 -4.06
CA SER A 38 -1.95 7.85 -4.97
C SER A 38 -2.27 7.46 -6.40
N LYS A 39 -1.92 8.34 -7.34
CA LYS A 39 -2.04 8.07 -8.76
C LYS A 39 -0.79 7.40 -9.33
N ALA A 40 0.20 7.15 -8.48
CA ALA A 40 1.43 6.49 -8.90
C ALA A 40 1.62 5.19 -8.11
N GLN A 41 0.57 4.38 -8.01
CA GLN A 41 0.64 3.16 -7.20
C GLN A 41 1.81 2.30 -7.64
N PRO A 42 2.47 1.63 -6.69
CA PRO A 42 2.13 1.53 -5.27
C PRO A 42 2.75 2.59 -4.38
N PHE A 43 3.28 3.66 -4.95
CA PHE A 43 4.06 4.64 -4.18
C PHE A 43 3.27 5.88 -3.85
N CYS A 44 3.58 6.45 -2.69
CA CYS A 44 2.95 7.67 -2.20
C CYS A 44 3.21 8.84 -3.13
N ASP A 45 2.18 9.63 -3.42
CA ASP A 45 2.37 10.86 -4.19
C ASP A 45 1.82 12.07 -3.43
N GLY A 46 1.59 11.90 -2.13
CA GLY A 46 1.11 12.99 -1.29
C GLY A 46 -0.39 13.11 -1.17
N SER A 47 -1.12 12.26 -1.90
CA SER A 47 -2.58 12.31 -1.94
C SER A 47 -3.24 11.93 -0.61
N HIS A 48 -2.48 11.34 0.31
CA HIS A 48 -3.02 10.98 1.62
C HIS A 48 -3.47 12.19 2.43
N LYS A 49 -2.98 13.37 2.09
CA LYS A 49 -3.33 14.55 2.88
C LYS A 49 -4.84 14.74 2.95
N GLY A 50 -5.35 14.93 4.16
CA GLY A 50 -6.79 15.03 4.39
C GLY A 50 -7.42 13.79 5.01
N THR A 51 -6.70 12.67 5.03
CA THR A 51 -7.23 11.43 5.57
C THR A 51 -6.61 11.02 6.91
N GLY A 52 -5.49 11.63 7.26
CA GLY A 52 -4.75 11.23 8.45
C GLY A 52 -3.87 10.00 8.24
N LEU A 53 -3.95 9.40 7.06
CA LEU A 53 -3.13 8.24 6.73
C LEU A 53 -1.73 8.69 6.31
N ALA A 54 -0.79 7.76 6.28
CA ALA A 54 0.59 8.10 6.00
C ALA A 54 1.29 6.94 5.30
N PRO A 55 2.32 7.26 4.50
CA PRO A 55 3.05 6.21 3.78
C PRO A 55 3.92 5.37 4.70
N VAL A 56 4.35 4.22 4.20
CA VAL A 56 5.25 3.34 4.92
C VAL A 56 6.56 3.22 4.16
N ALA A 57 7.66 3.54 4.83
CA ALA A 57 8.98 3.45 4.25
C ALA A 57 9.44 1.99 4.20
N TYR A 58 10.06 1.62 3.09
CA TYR A 58 10.52 0.25 2.88
C TYR A 58 11.87 0.31 2.19
N THR A 59 12.88 -0.24 2.84
CA THR A 59 14.24 -0.24 2.31
C THR A 59 14.73 -1.68 2.21
N PRO A 60 14.73 -2.24 0.99
CA PRO A 60 15.13 -3.65 0.86
C PRO A 60 16.62 -3.83 1.06
N ASP A 61 16.99 -4.96 1.65
CA ASP A 61 18.39 -5.30 1.89
C ASP A 61 19.10 -5.67 0.59
N LYS A 62 18.35 -6.25 -0.34
CA LYS A 62 18.92 -6.67 -1.61
C LYS A 62 17.97 -6.43 -2.78
N ALA A 63 18.53 -6.46 -3.99
CA ALA A 63 17.76 -6.26 -5.20
C ALA A 63 16.83 -7.45 -5.41
N GLY A 64 15.67 -7.19 -5.99
CA GLY A 64 14.71 -8.24 -6.27
C GLY A 64 13.38 -7.65 -6.63
N THR A 65 12.36 -8.50 -6.71
CA THR A 65 11.00 -8.04 -6.93
C THR A 65 10.26 -7.97 -5.60
N ALA A 66 9.70 -6.80 -5.30
CA ALA A 66 8.82 -6.63 -4.17
C ALA A 66 7.37 -6.56 -4.67
N TYR A 67 6.50 -7.37 -4.09
CA TYR A 67 5.09 -7.35 -4.39
C TYR A 67 4.40 -6.45 -3.37
N PHE A 68 4.29 -5.18 -3.71
CA PHE A 68 3.67 -4.21 -2.82
C PHE A 68 2.15 -4.40 -2.79
N CYS A 69 1.56 -4.19 -1.63
CA CYS A 69 0.12 -4.36 -1.48
C CYS A 69 -0.65 -3.26 -2.21
N GLY A 70 -1.59 -3.68 -3.05
CA GLY A 70 -2.47 -2.77 -3.77
C GLY A 70 -3.82 -2.55 -3.10
N CYS A 71 -4.26 -3.51 -2.29
CA CYS A 71 -5.59 -3.46 -1.68
C CYS A 71 -5.60 -2.60 -0.42
N LYS A 72 -4.40 -2.39 0.14
CA LYS A 72 -4.14 -1.59 1.34
C LYS A 72 -4.59 -2.26 2.64
N ALA A 73 -4.96 -3.54 2.55
CA ALA A 73 -5.43 -4.27 3.73
C ALA A 73 -4.44 -5.35 4.22
N SER A 74 -3.26 -5.44 3.63
CA SER A 74 -2.28 -6.41 4.11
C SER A 74 -2.06 -6.28 5.61
N LYS A 75 -1.91 -7.41 6.29
CA LYS A 75 -1.56 -7.41 7.70
C LYS A 75 -0.05 -7.28 7.91
N ALA A 76 0.70 -7.28 6.81
CA ALA A 76 2.15 -7.13 6.86
C ALA A 76 2.59 -6.03 5.88
N PRO A 77 2.03 -4.83 6.05
CA PRO A 77 2.38 -3.75 5.12
C PRO A 77 3.89 -3.49 5.14
N PRO A 78 4.46 -3.08 4.01
CA PRO A 78 3.81 -2.67 2.76
C PRO A 78 3.64 -3.77 1.71
N LEU A 79 3.96 -5.01 2.07
CA LEU A 79 3.97 -6.10 1.10
C LEU A 79 2.66 -6.88 1.11
N CYS A 80 2.31 -7.44 -0.04
CA CYS A 80 1.15 -8.31 -0.18
C CYS A 80 1.31 -9.55 0.69
N ASP A 81 0.28 -9.87 1.47
CA ASP A 81 0.28 -11.09 2.26
C ASP A 81 -0.92 -11.98 1.92
N GLY A 82 -1.60 -11.65 0.82
CA GLY A 82 -2.74 -12.42 0.36
C GLY A 82 -4.10 -11.96 0.86
N THR A 83 -4.12 -10.95 1.73
CA THR A 83 -5.37 -10.46 2.28
C THR A 83 -6.34 -10.01 1.18
N HIS A 84 -5.80 -9.55 0.06
CA HIS A 84 -6.64 -9.12 -1.06
C HIS A 84 -7.58 -10.21 -1.54
N LYS A 85 -7.22 -11.48 -1.28
CA LYS A 85 -8.02 -12.60 -1.75
C LYS A 85 -9.36 -12.71 -1.03
N THR A 86 -9.44 -12.25 0.20
CA THR A 86 -10.66 -12.40 1.00
C THR A 86 -11.31 -11.07 1.33
N LEU A 87 -10.65 -9.99 0.91
CA LEU A 87 -11.08 -8.64 1.25
C LEU A 87 -12.45 -8.32 0.68
#